data_4X0G
#
_entry.id   4X0G
#
_cell.length_a   92.550
_cell.length_b   92.550
_cell.length_c   62.998
_cell.angle_alpha   90.000
_cell.angle_beta   90.000
_cell.angle_gamma   120.000
#
_symmetry.space_group_name_H-M   'P 31'
#
loop_
_entity.id
_entity.type
_entity.pdbx_description
1 polymer 'Blastoderm-specific gene 25A'
2 polymer "DNA (5'-D(*GP*TP*TP*CP*CP*AP*AP*TP*TP*GP*GP*AP*A)-3')"
3 non-polymer 'ACETATE ION'
4 water water
#
loop_
_entity_poly.entity_id
_entity_poly.type
_entity_poly.pdbx_seq_one_letter_code
_entity_poly.pdbx_strand_id
1 'polypeptide(L)'
;PMVTIGPNGTEVSRISLSAINWAMTGPSITRKLLCEIFDRDTLAHHTLSGKPSPAFRDCARPSKQQLDPLKVADLVYLMT
NSCDMTPREVRTAITTKCADENKMLRSRM
;
A,B,C,D
2 'polydeoxyribonucleotide' (DG)(DT)(DT)(DC)(DC)(DA)(DA)(DT)(DT)(DG)(DG)(DA)(DA) E,F,G,H
#
loop_
_chem_comp.id
_chem_comp.type
_chem_comp.name
_chem_comp.formula
ACT non-polymer 'ACETATE ION' 'C2 H3 O2 -1'
DA DNA linking 2'-DEOXYADENOSINE-5'-MONOPHOSPHATE 'C10 H14 N5 O6 P'
DC DNA linking 2'-DEOXYCYTIDINE-5'-MONOPHOSPHATE 'C9 H14 N3 O7 P'
DG DNA linking 2'-DEOXYGUANOSINE-5'-MONOPHOSPHATE 'C10 H14 N5 O7 P'
DT DNA linking THYMIDINE-5'-MONOPHOSPHATE 'C10 H15 N2 O8 P'
#
# COMPACT_ATOMS: atom_id res chain seq x y z
N PRO A 1 -1.59 -26.62 9.51
CA PRO A 1 -1.21 -26.05 10.80
C PRO A 1 -0.51 -24.71 10.63
N MET A 2 0.81 -24.69 10.72
CA MET A 2 1.58 -23.47 10.53
C MET A 2 2.76 -23.69 9.59
N VAL A 3 3.12 -22.64 8.86
CA VAL A 3 4.17 -22.75 7.83
C VAL A 3 5.44 -22.02 8.25
N THR A 4 6.58 -22.69 8.08
CA THR A 4 7.88 -22.10 8.37
C THR A 4 8.15 -20.89 7.49
N ILE A 5 9.05 -20.02 7.92
CA ILE A 5 9.34 -18.80 7.19
C ILE A 5 10.74 -18.84 6.59
N GLY A 6 11.72 -19.14 7.43
CA GLY A 6 13.09 -19.19 6.96
C GLY A 6 13.87 -20.36 7.53
N PRO A 7 15.15 -20.46 7.13
CA PRO A 7 16.04 -21.54 7.58
C PRO A 7 16.23 -21.60 9.09
N ASN A 8 16.12 -20.46 9.77
CA ASN A 8 16.30 -20.40 11.21
C ASN A 8 15.18 -21.07 12.00
N GLY A 9 14.13 -21.48 11.30
CA GLY A 9 13.06 -22.28 11.90
C GLY A 9 12.04 -21.52 12.72
N THR A 10 11.33 -20.60 12.05
CA THR A 10 10.23 -19.89 12.66
C THR A 10 9.01 -19.97 11.74
N GLU A 11 7.88 -20.34 12.33
CA GLU A 11 6.66 -20.54 11.55
C GLU A 11 5.56 -19.55 11.89
N VAL A 12 4.63 -19.41 10.95
CA VAL A 12 3.51 -18.48 11.05
C VAL A 12 2.21 -19.18 10.68
N SER A 13 1.08 -18.56 11.03
CA SER A 13 -0.24 -19.09 10.71
C SER A 13 -0.42 -19.36 9.21
N ARG A 14 -0.78 -20.59 8.87
CA ARG A 14 -1.00 -21.00 7.48
C ARG A 14 -2.22 -20.30 6.88
N ILE A 15 -3.23 -20.08 7.71
CA ILE A 15 -4.43 -19.34 7.31
C ILE A 15 -4.10 -17.88 7.00
N SER A 16 -3.36 -17.23 7.91
CA SER A 16 -3.03 -15.83 7.76
C SER A 16 -2.19 -15.53 6.52
N LEU A 17 -1.38 -16.50 6.11
CA LEU A 17 -0.59 -16.35 4.89
C LEU A 17 -1.48 -16.22 3.67
N SER A 18 -2.55 -17.01 3.65
CA SER A 18 -3.51 -16.99 2.55
C SER A 18 -4.36 -15.72 2.59
N ALA A 19 -4.50 -15.15 3.79
CA ALA A 19 -5.33 -13.96 3.97
C ALA A 19 -4.53 -12.67 3.77
N ILE A 20 -3.36 -12.79 3.17
CA ILE A 20 -2.52 -11.62 2.90
C ILE A 20 -2.49 -11.26 1.42
N ASN A 21 -2.84 -10.01 1.12
CA ASN A 21 -2.78 -9.51 -0.24
C ASN A 21 -1.38 -9.03 -0.59
N TRP A 22 -0.71 -9.76 -1.47
CA TRP A 22 0.67 -9.45 -1.82
C TRP A 22 0.78 -8.31 -2.84
N ALA A 23 -0.35 -7.69 -3.15
CA ALA A 23 -0.38 -6.56 -4.05
C ALA A 23 0.05 -5.29 -3.32
N MET A 24 0.01 -5.34 -2.00
CA MET A 24 0.38 -4.20 -1.16
C MET A 24 1.88 -3.92 -1.18
N THR A 25 2.29 -2.90 -0.44
CA THR A 25 3.69 -2.51 -0.38
C THR A 25 4.50 -3.53 0.41
N GLY A 26 5.82 -3.46 0.26
CA GLY A 26 6.73 -4.29 1.04
C GLY A 26 6.57 -4.11 2.54
N PRO A 27 6.85 -2.89 3.04
CA PRO A 27 6.69 -2.55 4.46
C PRO A 27 5.32 -2.90 5.01
N SER A 28 4.26 -2.68 4.24
CA SER A 28 2.91 -3.04 4.67
C SER A 28 2.82 -4.52 5.02
N ILE A 29 3.10 -5.38 4.05
CA ILE A 29 3.10 -6.82 4.28
C ILE A 29 3.98 -7.21 5.47
N THR A 30 5.16 -6.58 5.59
CA THR A 30 6.07 -6.82 6.70
C THR A 30 5.42 -6.50 8.05
N ARG A 31 4.62 -5.44 8.08
CA ARG A 31 3.90 -5.05 9.28
C ARG A 31 2.70 -5.96 9.55
N LYS A 32 2.25 -6.70 8.54
CA LYS A 32 1.19 -7.67 8.77
C LYS A 32 1.72 -8.99 9.32
N LEU A 33 2.92 -9.37 8.89
CA LEU A 33 3.54 -10.61 9.34
C LEU A 33 4.04 -10.51 10.77
N LEU A 34 4.48 -9.32 11.17
CA LEU A 34 4.99 -9.11 12.52
C LEU A 34 3.93 -9.37 13.59
N CYS A 35 2.70 -8.93 13.33
CA CYS A 35 1.61 -9.14 14.26
C CYS A 35 1.17 -10.61 14.27
N GLU A 36 1.58 -11.36 13.26
CA GLU A 36 1.23 -12.77 13.17
C GLU A 36 2.37 -13.65 13.66
N ILE A 37 3.55 -13.05 13.78
CA ILE A 37 4.71 -13.74 14.32
C ILE A 37 4.90 -13.37 15.79
N PHE A 38 4.78 -12.09 16.09
CA PHE A 38 4.94 -11.59 17.45
C PHE A 38 3.62 -11.14 18.07
N ASP A 39 3.55 -11.22 19.39
CA ASP A 39 2.40 -10.72 20.13
C ASP A 39 2.40 -9.20 20.11
N ARG A 40 1.23 -8.60 20.17
CA ARG A 40 1.11 -7.15 20.15
C ARG A 40 1.81 -6.48 21.34
N ASP A 41 1.78 -7.15 22.48
CA ASP A 41 2.40 -6.62 23.69
C ASP A 41 3.92 -6.71 23.60
N THR A 42 4.41 -7.65 22.80
CA THR A 42 5.85 -7.79 22.59
C THR A 42 6.37 -6.68 21.70
N LEU A 43 5.63 -6.40 20.63
CA LEU A 43 6.00 -5.34 19.68
C LEU A 43 5.98 -3.97 20.35
N ALA A 44 5.09 -3.80 21.33
CA ALA A 44 4.95 -2.54 22.05
C ALA A 44 5.98 -2.42 23.17
N HIS A 45 6.82 -3.42 23.32
CA HIS A 45 7.84 -3.42 24.36
C HIS A 45 9.22 -3.77 23.82
N HIS A 46 9.28 -4.21 22.56
CA HIS A 46 10.55 -4.57 21.94
C HIS A 46 10.89 -3.66 20.77
N THR A 47 12.17 -3.67 20.38
CA THR A 47 12.61 -2.92 19.20
C THR A 47 13.46 -3.81 18.31
N LEU A 48 14.09 -3.22 17.30
CA LEU A 48 14.90 -3.98 16.35
C LEU A 48 16.21 -4.43 16.98
N SER A 49 16.95 -3.49 17.54
CA SER A 49 18.27 -3.78 18.10
C SER A 49 18.26 -3.90 19.61
N GLY A 50 17.27 -3.27 20.24
CA GLY A 50 17.19 -3.26 21.70
C GLY A 50 17.89 -2.05 22.27
N LYS A 51 18.72 -1.43 21.44
CA LYS A 51 19.48 -0.24 21.84
C LYS A 51 18.52 0.94 22.06
N PRO A 52 18.93 1.90 22.90
CA PRO A 52 18.13 3.12 23.09
C PRO A 52 18.46 4.15 22.02
N SER A 53 17.69 5.23 21.98
CA SER A 53 17.92 6.30 21.02
C SER A 53 19.05 7.21 21.46
N PRO A 54 19.99 7.50 20.54
CA PRO A 54 21.14 8.38 20.82
C PRO A 54 20.71 9.79 21.19
N ALA A 55 19.54 10.21 20.72
CA ALA A 55 19.01 11.53 21.01
C ALA A 55 18.41 11.60 22.41
N PHE A 56 18.27 10.45 23.05
CA PHE A 56 17.67 10.38 24.38
C PHE A 56 18.50 9.53 25.33
N ARG A 57 19.81 9.72 25.30
CA ARG A 57 20.70 8.96 26.19
C ARG A 57 20.81 9.64 27.56
N ASP A 58 20.71 10.96 27.58
CA ASP A 58 20.68 11.71 28.83
C ASP A 58 19.27 11.71 29.40
N CYS A 59 18.28 11.87 28.52
CA CYS A 59 16.88 11.75 28.91
C CYS A 59 16.52 10.27 29.00
N ALA A 60 16.75 9.69 30.18
CA ALA A 60 16.56 8.27 30.39
C ALA A 60 15.14 7.78 30.08
N ARG A 61 15.02 6.92 29.08
CA ARG A 61 13.75 6.34 28.69
C ARG A 61 13.68 4.90 29.19
N PRO A 62 12.46 4.37 29.40
CA PRO A 62 12.30 2.98 29.84
C PRO A 62 12.95 1.98 28.88
N SER A 63 13.53 0.93 29.43
CA SER A 63 14.27 -0.05 28.63
C SER A 63 13.34 -0.93 27.80
N LYS A 64 13.67 -1.09 26.52
CA LYS A 64 12.93 -1.97 25.63
C LYS A 64 13.85 -3.01 25.01
N GLN A 65 13.47 -4.28 25.14
CA GLN A 65 14.32 -5.39 24.71
C GLN A 65 14.43 -5.50 23.20
N GLN A 66 15.28 -6.41 22.75
CA GLN A 66 15.48 -6.67 21.33
C GLN A 66 14.59 -7.81 20.87
N LEU A 67 14.00 -7.66 19.68
CA LEU A 67 13.21 -8.73 19.08
C LEU A 67 14.07 -9.96 18.83
N ASP A 68 13.42 -11.12 18.75
CA ASP A 68 14.12 -12.38 18.50
C ASP A 68 14.86 -12.31 17.16
N PRO A 69 16.20 -12.33 17.20
CA PRO A 69 17.05 -12.16 16.02
C PRO A 69 16.78 -13.24 14.97
N LEU A 70 16.57 -14.47 15.42
CA LEU A 70 16.30 -15.58 14.52
C LEU A 70 14.94 -15.43 13.85
N LYS A 71 13.96 -14.94 14.60
CA LYS A 71 12.62 -14.71 14.07
C LYS A 71 12.63 -13.55 13.07
N VAL A 72 13.41 -12.52 13.38
CA VAL A 72 13.55 -11.37 12.50
C VAL A 72 14.29 -11.75 11.22
N ALA A 73 15.36 -12.53 11.37
CA ALA A 73 16.18 -12.95 10.24
C ALA A 73 15.37 -13.74 9.21
N ASP A 74 14.43 -14.54 9.69
CA ASP A 74 13.54 -15.29 8.80
C ASP A 74 12.56 -14.37 8.10
N LEU A 75 12.08 -13.36 8.83
CA LEU A 75 11.16 -12.37 8.27
C LEU A 75 11.85 -11.62 7.15
N VAL A 76 13.10 -11.23 7.39
CA VAL A 76 13.91 -10.56 6.37
C VAL A 76 14.17 -11.50 5.20
N TYR A 77 14.36 -12.79 5.50
CA TYR A 77 14.62 -13.78 4.48
C TYR A 77 13.42 -14.00 3.55
N LEU A 78 12.22 -13.92 4.11
CA LEU A 78 11.00 -14.14 3.34
C LEU A 78 10.80 -13.01 2.32
N MET A 79 10.87 -11.78 2.79
CA MET A 79 10.56 -10.61 1.96
C MET A 79 11.55 -10.43 0.81
N THR A 80 12.81 -10.80 1.04
CA THR A 80 13.84 -10.64 0.01
C THR A 80 13.74 -11.68 -1.09
N ASN A 81 13.25 -12.86 -0.76
CA ASN A 81 13.11 -13.94 -1.73
C ASN A 81 11.74 -13.96 -2.41
N SER A 82 10.78 -13.26 -1.83
CA SER A 82 9.43 -13.22 -2.38
C SER A 82 9.16 -11.89 -3.08
N CYS A 83 8.97 -10.84 -2.29
CA CYS A 83 8.68 -9.50 -2.83
C CYS A 83 9.94 -8.84 -3.37
N ASP A 84 11.09 -9.44 -3.08
CA ASP A 84 12.38 -8.94 -3.52
C ASP A 84 12.66 -7.50 -3.09
N MET A 85 12.33 -7.18 -1.85
CA MET A 85 12.69 -5.90 -1.26
C MET A 85 14.04 -6.04 -0.57
N THR A 86 14.66 -4.92 -0.20
CA THR A 86 15.97 -4.95 0.43
C THR A 86 15.86 -5.13 1.93
N PRO A 87 16.87 -5.78 2.56
CA PRO A 87 16.95 -5.91 4.01
C PRO A 87 16.86 -4.56 4.72
N ARG A 88 17.29 -3.51 4.05
CA ARG A 88 17.16 -2.15 4.55
C ARG A 88 15.69 -1.81 4.79
N GLU A 89 14.85 -2.06 3.78
CA GLU A 89 13.43 -1.74 3.84
C GLU A 89 12.72 -2.54 4.93
N VAL A 90 13.06 -3.83 5.03
CA VAL A 90 12.43 -4.71 6.00
C VAL A 90 12.72 -4.28 7.43
N ARG A 91 13.99 -4.01 7.72
CA ARG A 91 14.41 -3.60 9.05
C ARG A 91 13.85 -2.23 9.43
N THR A 92 13.58 -1.39 8.43
CA THR A 92 12.98 -0.08 8.68
C THR A 92 11.48 -0.21 8.93
N ALA A 93 10.86 -1.22 8.33
CA ALA A 93 9.44 -1.46 8.52
C ALA A 93 9.18 -2.04 9.90
N ILE A 94 10.15 -2.80 10.41
CA ILE A 94 10.04 -3.42 11.72
C ILE A 94 10.18 -2.38 12.84
N THR A 95 11.17 -1.51 12.71
CA THR A 95 11.46 -0.51 13.74
C THR A 95 10.37 0.57 13.83
N THR A 96 9.50 0.61 12.83
CA THR A 96 8.37 1.53 12.84
C THR A 96 7.15 0.88 13.47
N LYS A 97 6.94 -0.40 13.17
CA LYS A 97 5.82 -1.15 13.71
C LYS A 97 5.94 -1.23 15.23
N CYS A 98 7.16 -1.49 15.71
CA CYS A 98 7.42 -1.55 17.14
C CYS A 98 7.22 -0.17 17.78
N ALA A 99 7.47 0.88 17.00
CA ALA A 99 7.30 2.24 17.48
C ALA A 99 5.83 2.66 17.41
N ASP A 100 5.12 2.13 16.42
CA ASP A 100 3.70 2.44 16.26
C ASP A 100 2.84 1.69 17.26
N GLU A 101 3.23 0.45 17.56
CA GLU A 101 2.51 -0.35 18.55
C GLU A 101 2.67 0.23 19.95
N ASN A 102 3.78 0.94 20.17
CA ASN A 102 4.01 1.59 21.44
C ASN A 102 3.13 2.83 21.58
N LYS A 103 2.79 3.44 20.44
CA LYS A 103 1.88 4.57 20.42
C LYS A 103 0.47 4.14 20.82
N MET A 104 0.12 2.91 20.47
CA MET A 104 -1.18 2.36 20.81
C MET A 104 -1.33 2.28 22.33
N LEU A 105 -0.30 1.74 22.98
CA LEU A 105 -0.30 1.58 24.43
C LEU A 105 -0.28 2.92 25.16
N ARG A 106 0.45 3.88 24.62
CA ARG A 106 0.58 5.20 25.24
C ARG A 106 -0.76 5.95 25.24
N SER A 107 -1.55 5.73 24.19
CA SER A 107 -2.86 6.37 24.09
C SER A 107 -3.81 5.73 25.09
N ARG A 108 -3.68 4.41 25.27
CA ARG A 108 -4.52 3.67 26.21
C ARG A 108 -4.00 3.83 27.64
N PRO B 1 30.17 21.61 -20.75
CA PRO B 1 30.46 22.40 -19.56
C PRO B 1 29.56 22.01 -18.39
N MET B 2 28.31 22.47 -18.44
CA MET B 2 27.33 22.14 -17.41
C MET B 2 26.18 21.35 -18.02
N VAL B 3 25.50 20.56 -17.21
CA VAL B 3 24.37 19.75 -17.68
C VAL B 3 23.15 19.86 -16.77
N THR B 4 22.02 20.24 -17.35
CA THR B 4 20.77 20.34 -16.62
C THR B 4 20.33 18.97 -16.10
N ILE B 5 20.07 18.90 -14.80
CA ILE B 5 19.69 17.64 -14.17
C ILE B 5 18.23 17.28 -14.45
N GLY B 6 17.33 18.23 -14.22
CA GLY B 6 15.91 17.99 -14.41
C GLY B 6 15.20 19.09 -15.19
N PRO B 7 13.87 19.00 -15.25
CA PRO B 7 13.01 19.94 -15.99
C PRO B 7 13.10 21.37 -15.48
N ASN B 8 13.47 21.54 -14.22
CA ASN B 8 13.53 22.88 -13.62
C ASN B 8 14.80 23.65 -13.97
N GLY B 9 15.70 23.00 -14.69
CA GLY B 9 16.88 23.66 -15.22
C GLY B 9 18.07 23.77 -14.28
N THR B 10 18.03 23.02 -13.18
CA THR B 10 19.15 22.99 -12.25
C THR B 10 20.28 22.14 -12.84
N GLU B 11 21.51 22.60 -12.71
CA GLU B 11 22.62 21.98 -13.43
C GLU B 11 23.94 21.94 -12.67
N VAL B 12 24.72 20.90 -12.95
CA VAL B 12 26.10 20.80 -12.46
C VAL B 12 27.01 20.48 -13.65
N SER B 13 28.32 20.55 -13.44
CA SER B 13 29.28 20.31 -14.51
C SER B 13 29.37 18.85 -14.92
N ARG B 14 30.00 18.59 -16.06
CA ARG B 14 30.24 17.23 -16.53
C ARG B 14 31.50 16.64 -15.90
N ILE B 15 32.40 17.53 -15.47
CA ILE B 15 33.65 17.12 -14.87
C ILE B 15 33.40 16.36 -13.57
N SER B 16 32.63 16.96 -12.68
CA SER B 16 32.28 16.32 -11.42
C SER B 16 31.33 15.16 -11.65
N LEU B 17 30.59 15.22 -12.74
CA LEU B 17 29.66 14.15 -13.12
C LEU B 17 30.45 12.93 -13.57
N SER B 18 31.54 13.16 -14.29
CA SER B 18 32.38 12.09 -14.80
C SER B 18 33.36 11.59 -13.74
N ALA B 19 33.53 12.37 -12.68
CA ALA B 19 34.44 12.01 -11.60
C ALA B 19 33.74 11.17 -10.54
N ILE B 20 32.58 10.61 -10.89
CA ILE B 20 31.80 9.80 -9.97
C ILE B 20 31.78 8.33 -10.38
N ASN B 21 32.17 7.46 -9.46
CA ASN B 21 32.08 6.03 -9.68
C ASN B 21 30.65 5.53 -9.43
N TRP B 22 29.99 5.08 -10.49
CA TRP B 22 28.60 4.66 -10.39
C TRP B 22 28.47 3.23 -9.87
N ALA B 23 29.57 2.67 -9.38
CA ALA B 23 29.58 1.31 -8.87
C ALA B 23 29.09 1.25 -7.43
N MET B 24 29.04 2.40 -6.77
CA MET B 24 28.64 2.46 -5.37
C MET B 24 27.14 2.66 -5.21
N THR B 25 26.68 2.66 -3.96
CA THR B 25 25.25 2.73 -3.67
C THR B 25 24.60 4.06 -4.08
N GLY B 26 23.31 4.00 -4.37
CA GLY B 26 22.56 5.16 -4.82
C GLY B 26 22.61 6.35 -3.89
N PRO B 27 22.18 6.17 -2.63
CA PRO B 27 22.25 7.22 -1.60
C PRO B 27 23.61 7.93 -1.51
N SER B 28 24.70 7.17 -1.63
CA SER B 28 26.03 7.75 -1.61
C SER B 28 26.25 8.69 -2.79
N ILE B 29 25.77 8.26 -3.96
CA ILE B 29 25.87 9.07 -5.17
C ILE B 29 25.02 10.33 -5.00
N THR B 30 23.87 10.19 -4.37
CA THR B 30 22.99 11.31 -4.09
C THR B 30 23.68 12.35 -3.21
N ARG B 31 24.48 11.89 -2.26
CA ARG B 31 25.22 12.77 -1.37
C ARG B 31 26.36 13.49 -2.12
N LYS B 32 26.92 12.81 -3.12
CA LYS B 32 27.99 13.38 -3.94
C LYS B 32 27.46 14.52 -4.79
N LEU B 33 26.20 14.41 -5.20
CA LEU B 33 25.58 15.44 -6.04
C LEU B 33 25.14 16.65 -5.22
N LEU B 34 24.76 16.41 -3.96
CA LEU B 34 24.32 17.49 -3.08
C LEU B 34 25.44 18.48 -2.79
N CYS B 35 26.67 17.97 -2.73
CA CYS B 35 27.85 18.83 -2.53
C CYS B 35 28.24 19.49 -3.83
N GLU B 36 27.59 19.11 -4.92
CA GLU B 36 27.85 19.68 -6.23
C GLU B 36 26.73 20.61 -6.65
N ILE B 37 25.52 20.37 -6.15
CA ILE B 37 24.37 21.22 -6.42
C ILE B 37 24.32 22.36 -5.40
N PHE B 38 24.41 22.02 -4.12
CA PHE B 38 24.40 23.01 -3.05
C PHE B 38 25.80 23.22 -2.49
N ASP B 39 25.93 24.19 -1.60
CA ASP B 39 27.20 24.46 -0.93
C ASP B 39 27.23 23.72 0.40
N ARG B 40 28.35 23.81 1.11
CA ARG B 40 28.52 23.13 2.38
C ARG B 40 27.62 23.70 3.48
N ASP B 41 27.71 25.01 3.69
CA ASP B 41 26.96 25.66 4.76
C ASP B 41 25.45 25.65 4.52
N THR B 42 25.05 25.64 3.26
CA THR B 42 23.63 25.59 2.91
C THR B 42 23.02 24.28 3.38
N LEU B 43 23.71 23.18 3.11
CA LEU B 43 23.27 21.86 3.54
C LEU B 43 23.27 21.75 5.06
N ALA B 44 24.17 22.49 5.71
CA ALA B 44 24.32 22.43 7.16
C ALA B 44 23.24 23.21 7.89
N HIS B 45 22.68 24.21 7.21
CA HIS B 45 21.67 25.07 7.85
C HIS B 45 20.28 24.91 7.23
N HIS B 46 20.12 23.92 6.36
CA HIS B 46 18.83 23.66 5.74
C HIS B 46 18.40 22.20 5.91
N THR B 47 17.09 21.96 5.78
CA THR B 47 16.57 20.61 5.84
C THR B 47 15.74 20.31 4.59
N LEU B 48 15.18 19.10 4.54
CA LEU B 48 14.42 18.65 3.37
C LEU B 48 13.05 19.33 3.27
N SER B 49 12.46 19.63 4.41
CA SER B 49 11.11 20.20 4.43
C SER B 49 11.03 21.54 5.15
N GLY B 50 12.04 21.86 5.95
CA GLY B 50 12.06 23.11 6.69
C GLY B 50 11.26 23.05 7.97
N LYS B 51 10.75 21.86 8.29
CA LYS B 51 9.96 21.65 9.48
C LYS B 51 10.85 21.26 10.67
N PRO B 52 10.40 21.56 11.90
CA PRO B 52 11.14 21.12 13.08
C PRO B 52 10.83 19.66 13.44
N SER B 53 11.73 19.01 14.15
CA SER B 53 11.52 17.63 14.55
C SER B 53 10.45 17.52 15.62
N PRO B 54 9.48 16.61 15.43
CA PRO B 54 8.37 16.40 16.36
C PRO B 54 8.83 15.84 17.70
N ALA B 55 10.04 15.28 17.72
CA ALA B 55 10.58 14.64 18.91
C ALA B 55 11.36 15.61 19.78
N PHE B 56 11.35 16.89 19.40
CA PHE B 56 12.15 17.89 20.11
C PHE B 56 11.37 19.14 20.48
N ARG B 57 10.05 19.11 20.29
CA ARG B 57 9.21 20.28 20.56
C ARG B 57 9.26 20.72 22.03
N ASP B 58 9.79 19.86 22.89
CA ASP B 58 9.96 20.21 24.30
C ASP B 58 11.22 21.01 24.53
N CYS B 59 12.35 20.48 24.07
CA CYS B 59 13.65 21.10 24.29
C CYS B 59 14.05 22.04 23.16
N ALA B 60 13.46 21.82 21.98
CA ALA B 60 13.69 22.65 20.79
C ALA B 60 15.13 22.63 20.26
N ARG B 61 15.29 23.11 19.03
CA ARG B 61 16.57 23.15 18.35
C ARG B 61 16.48 24.17 17.20
N PRO B 62 17.62 24.71 16.75
CA PRO B 62 17.62 25.78 15.74
C PRO B 62 16.78 25.45 14.51
N SER B 63 15.71 26.22 14.30
CA SER B 63 14.85 26.05 13.14
C SER B 63 15.64 26.33 11.87
N LYS B 64 15.47 25.47 10.88
CA LYS B 64 16.24 25.57 9.64
C LYS B 64 15.36 25.83 8.43
N GLN B 65 15.78 26.76 7.59
CA GLN B 65 15.04 27.11 6.39
C GLN B 65 15.02 25.95 5.39
N GLN B 66 13.90 25.79 4.69
CA GLN B 66 13.73 24.69 3.77
C GLN B 66 14.67 24.76 2.59
N LEU B 67 15.20 23.61 2.17
CA LEU B 67 16.02 23.54 0.97
C LEU B 67 15.18 23.86 -0.25
N ASP B 68 15.84 24.21 -1.35
CA ASP B 68 15.17 24.57 -2.59
C ASP B 68 14.38 23.38 -3.14
N PRO B 69 13.04 23.51 -3.19
CA PRO B 69 12.16 22.43 -3.65
C PRO B 69 12.37 22.10 -5.13
N LEU B 70 12.74 23.12 -5.91
CA LEU B 70 12.94 22.95 -7.34
C LEU B 70 14.22 22.18 -7.65
N LYS B 71 15.28 22.45 -6.88
CA LYS B 71 16.56 21.77 -7.06
C LYS B 71 16.47 20.31 -6.64
N VAL B 72 15.80 20.07 -5.52
CA VAL B 72 15.62 18.71 -5.02
C VAL B 72 14.77 17.88 -5.96
N ALA B 73 13.72 18.49 -6.51
CA ALA B 73 12.81 17.82 -7.43
C ALA B 73 13.54 17.25 -8.64
N ASP B 74 14.53 18.00 -9.14
CA ASP B 74 15.33 17.53 -10.27
C ASP B 74 16.22 16.36 -9.86
N LEU B 75 16.79 16.45 -8.65
CA LEU B 75 17.65 15.39 -8.14
C LEU B 75 16.86 14.10 -7.99
N VAL B 76 15.65 14.21 -7.45
CA VAL B 76 14.76 13.07 -7.32
C VAL B 76 14.40 12.54 -8.71
N TYR B 77 14.21 13.45 -9.65
CA TYR B 77 13.92 13.07 -11.03
C TYR B 77 15.08 12.34 -11.69
N LEU B 78 16.30 12.71 -11.32
CA LEU B 78 17.50 12.11 -11.88
C LEU B 78 17.67 10.67 -11.40
N MET B 79 17.77 10.51 -10.09
CA MET B 79 18.07 9.21 -9.48
C MET B 79 17.01 8.16 -9.80
N THR B 80 15.77 8.58 -9.94
CA THR B 80 14.67 7.67 -10.24
C THR B 80 14.72 7.20 -11.70
N ASN B 81 15.43 7.97 -12.55
CA ASN B 81 15.53 7.63 -13.96
C ASN B 81 16.87 7.00 -14.33
N SER B 82 17.91 7.35 -13.59
CA SER B 82 19.25 6.82 -13.85
C SER B 82 19.53 5.58 -13.01
N CYS B 83 19.64 5.76 -11.70
CA CYS B 83 19.92 4.65 -10.80
C CYS B 83 18.66 3.81 -10.55
N ASP B 84 17.51 4.33 -10.98
CA ASP B 84 16.23 3.65 -10.83
C ASP B 84 15.91 3.28 -9.38
N MET B 85 15.86 4.30 -8.52
CA MET B 85 15.50 4.11 -7.13
C MET B 85 14.17 4.81 -6.85
N THR B 86 13.71 4.76 -5.60
CA THR B 86 12.46 5.40 -5.22
C THR B 86 12.72 6.77 -4.60
N PRO B 87 11.79 7.71 -4.79
CA PRO B 87 11.89 9.06 -4.20
C PRO B 87 12.07 9.01 -2.69
N ARG B 88 11.53 7.97 -2.06
CA ARG B 88 11.69 7.78 -0.62
C ARG B 88 13.15 7.58 -0.25
N GLU B 89 13.85 6.79 -1.06
CA GLU B 89 15.28 6.53 -0.83
C GLU B 89 16.10 7.81 -0.99
N VAL B 90 15.77 8.60 -2.00
CA VAL B 90 16.49 9.83 -2.28
C VAL B 90 16.27 10.86 -1.17
N ARG B 91 15.00 11.08 -0.83
CA ARG B 91 14.65 12.07 0.20
C ARG B 91 15.19 11.68 1.57
N THR B 92 15.42 10.39 1.79
CA THR B 92 16.05 9.93 3.02
C THR B 92 17.57 10.10 2.95
N ALA B 93 18.12 9.97 1.75
CA ALA B 93 19.54 10.17 1.53
C ALA B 93 19.88 11.65 1.64
N ILE B 94 18.91 12.50 1.28
CA ILE B 94 19.07 13.94 1.37
C ILE B 94 18.95 14.43 2.81
N THR B 95 17.94 13.93 3.51
CA THR B 95 17.69 14.37 4.89
C THR B 95 18.76 13.89 5.86
N THR B 96 19.55 12.91 5.44
CA THR B 96 20.63 12.39 6.27
C THR B 96 21.96 13.04 5.90
N LYS B 97 22.00 13.73 4.76
CA LYS B 97 23.19 14.45 4.33
C LYS B 97 23.26 15.79 5.05
N CYS B 98 22.11 16.46 5.15
CA CYS B 98 22.02 17.75 5.81
C CYS B 98 22.31 17.59 7.30
N ALA B 99 21.93 16.44 7.85
CA ALA B 99 22.16 16.14 9.26
C ALA B 99 23.64 15.89 9.52
N ASP B 100 24.30 15.22 8.58
CA ASP B 100 25.72 14.91 8.73
C ASP B 100 26.58 16.16 8.51
N GLU B 101 26.10 17.05 7.65
CA GLU B 101 26.77 18.32 7.43
C GLU B 101 26.66 19.20 8.67
N ASN B 102 25.57 19.01 9.42
CA ASN B 102 25.35 19.74 10.66
C ASN B 102 26.28 19.23 11.76
N LYS B 103 26.56 17.92 11.76
CA LYS B 103 27.51 17.35 12.69
C LYS B 103 28.90 17.91 12.44
N MET B 104 29.34 17.85 11.20
CA MET B 104 30.70 18.19 10.84
C MET B 104 31.02 19.65 11.17
N LEU B 105 30.04 20.52 10.97
CA LEU B 105 30.22 21.93 11.28
C LEU B 105 30.46 22.13 12.78
N ARG B 106 29.81 21.30 13.59
CA ARG B 106 29.99 21.34 15.03
C ARG B 106 31.34 20.77 15.43
N SER B 107 31.94 19.99 14.55
CA SER B 107 33.23 19.38 14.83
C SER B 107 34.38 20.37 14.71
N ARG B 108 34.11 21.52 14.07
CA ARG B 108 35.11 22.59 14.01
C ARG B 108 34.98 23.51 15.22
N MET B 109 34.31 23.02 16.26
CA MET B 109 34.14 23.77 17.49
C MET B 109 33.89 22.83 18.66
N PRO C 1 8.70 17.08 -20.68
CA PRO C 1 7.37 17.66 -20.95
C PRO C 1 6.25 16.76 -20.44
N MET C 2 5.49 16.18 -21.36
CA MET C 2 4.40 15.27 -21.01
C MET C 2 4.63 13.92 -21.69
N VAL C 3 3.89 12.91 -21.25
CA VAL C 3 4.00 11.57 -21.82
C VAL C 3 2.63 10.97 -22.08
N THR C 4 2.40 10.55 -23.32
CA THR C 4 1.13 9.91 -23.69
C THR C 4 0.96 8.57 -22.97
N ILE C 5 -0.28 8.28 -22.57
CA ILE C 5 -0.57 7.06 -21.83
C ILE C 5 -1.10 5.96 -22.74
N GLY C 6 -2.10 6.29 -23.56
CA GLY C 6 -2.72 5.31 -24.42
C GLY C 6 -2.90 5.78 -25.86
N PRO C 7 -3.52 4.95 -26.69
CA PRO C 7 -3.76 5.22 -28.12
C PRO C 7 -4.61 6.46 -28.37
N ASN C 8 -5.41 6.85 -27.38
CA ASN C 8 -6.29 8.01 -27.54
C ASN C 8 -5.58 9.35 -27.32
N GLY C 9 -4.28 9.29 -27.08
CA GLY C 9 -3.46 10.48 -27.01
C GLY C 9 -3.56 11.29 -25.73
N THR C 10 -4.06 10.67 -24.66
CA THR C 10 -4.14 11.35 -23.38
C THR C 10 -2.80 11.26 -22.65
N GLU C 11 -2.37 12.35 -22.05
CA GLU C 11 -1.02 12.44 -21.53
C GLU C 11 -0.90 13.12 -20.16
N VAL C 12 0.13 12.72 -19.42
CA VAL C 12 0.47 13.35 -18.15
C VAL C 12 1.96 13.67 -18.14
N SER C 13 2.39 14.56 -17.25
CA SER C 13 3.79 14.96 -17.16
C SER C 13 4.71 13.78 -16.77
N ARG C 14 6.00 13.96 -16.98
CA ARG C 14 6.98 12.93 -16.65
C ARG C 14 7.41 13.06 -15.18
N ILE C 15 7.28 14.26 -14.64
CA ILE C 15 7.71 14.54 -13.28
C ILE C 15 6.81 13.86 -12.26
N SER C 16 5.51 14.08 -12.38
CA SER C 16 4.53 13.49 -11.48
C SER C 16 4.50 11.97 -11.62
N LEU C 17 4.85 11.50 -12.81
CA LEU C 17 4.93 10.06 -13.06
C LEU C 17 6.16 9.48 -12.36
N SER C 18 7.26 10.24 -12.38
CA SER C 18 8.49 9.83 -11.74
C SER C 18 8.36 9.90 -10.22
N ALA C 19 7.64 10.90 -9.74
CA ALA C 19 7.43 11.09 -8.31
C ALA C 19 6.36 10.16 -7.79
N ILE C 20 6.51 8.86 -8.05
CA ILE C 20 5.55 7.86 -7.62
C ILE C 20 6.25 6.59 -7.14
N ASN C 21 5.94 6.18 -5.92
CA ASN C 21 6.44 4.92 -5.38
C ASN C 21 5.65 3.76 -5.95
N TRP C 22 6.24 3.02 -6.87
CA TRP C 22 5.55 1.93 -7.56
C TRP C 22 5.45 0.67 -6.71
N ALA C 23 5.80 0.79 -5.44
CA ALA C 23 5.77 -0.34 -4.52
C ALA C 23 4.36 -0.61 -4.00
N MET C 24 3.53 0.42 -3.98
CA MET C 24 2.17 0.30 -3.47
C MET C 24 1.22 -0.35 -4.45
N THR C 25 -0.02 -0.58 -4.01
CA THR C 25 -1.02 -1.27 -4.81
C THR C 25 -1.36 -0.57 -6.12
N GLY C 26 -1.87 -1.35 -7.07
CA GLY C 26 -2.36 -0.82 -8.33
C GLY C 26 -3.42 0.26 -8.18
N PRO C 27 -4.52 -0.05 -7.46
CA PRO C 27 -5.57 0.94 -7.17
C PRO C 27 -5.03 2.23 -6.58
N SER C 28 -4.05 2.13 -5.67
CA SER C 28 -3.45 3.31 -5.05
C SER C 28 -2.71 4.14 -6.09
N ILE C 29 -2.02 3.48 -7.01
CA ILE C 29 -1.32 4.17 -8.09
C ILE C 29 -2.31 4.82 -9.05
N THR C 30 -3.38 4.09 -9.37
CA THR C 30 -4.42 4.60 -10.26
C THR C 30 -5.05 5.88 -9.70
N ARG C 31 -5.24 5.90 -8.39
CA ARG C 31 -5.79 7.07 -7.71
C ARG C 31 -4.87 8.27 -7.82
N LYS C 32 -3.56 8.01 -7.79
CA LYS C 32 -2.57 9.07 -7.90
C LYS C 32 -2.51 9.63 -9.31
N LEU C 33 -2.93 8.82 -10.28
CA LEU C 33 -2.91 9.22 -11.68
C LEU C 33 -4.18 10.00 -12.06
N LEU C 34 -5.30 9.64 -11.43
CA LEU C 34 -6.56 10.33 -11.68
C LEU C 34 -6.50 11.79 -11.27
N CYS C 35 -5.70 12.08 -10.24
CA CYS C 35 -5.51 13.45 -9.80
C CYS C 35 -4.46 14.17 -10.65
N GLU C 36 -3.96 13.45 -11.64
CA GLU C 36 -2.97 13.99 -12.56
C GLU C 36 -3.54 14.09 -13.98
N ILE C 37 -4.60 13.33 -14.23
CA ILE C 37 -5.29 13.38 -15.51
C ILE C 37 -6.51 14.29 -15.39
N PHE C 38 -7.22 14.17 -14.27
CA PHE C 38 -8.41 14.98 -14.01
C PHE C 38 -8.19 15.95 -12.86
N ASP C 39 -9.06 16.94 -12.72
CA ASP C 39 -8.96 17.91 -11.64
C ASP C 39 -9.89 17.48 -10.52
N ARG C 40 -9.82 18.18 -9.38
CA ARG C 40 -10.54 17.75 -8.18
C ARG C 40 -12.05 17.90 -8.35
N ASP C 41 -12.46 18.99 -8.99
CA ASP C 41 -13.87 19.28 -9.20
C ASP C 41 -14.55 18.30 -10.14
N THR C 42 -13.90 17.95 -11.25
CA THR C 42 -14.49 16.99 -12.20
C THR C 42 -14.69 15.62 -11.57
N LEU C 43 -13.66 15.13 -10.88
CA LEU C 43 -13.73 13.82 -10.24
C LEU C 43 -14.83 13.77 -9.17
N ALA C 44 -15.06 14.92 -8.54
CA ALA C 44 -16.04 15.00 -7.45
C ALA C 44 -17.47 15.05 -7.97
N HIS C 45 -17.63 15.33 -9.26
CA HIS C 45 -18.97 15.46 -9.84
C HIS C 45 -19.18 14.53 -11.03
N HIS C 46 -18.26 13.61 -11.25
CA HIS C 46 -18.39 12.64 -12.33
C HIS C 46 -18.29 11.21 -11.80
N THR C 47 -18.82 10.27 -12.58
CA THR C 47 -18.69 8.85 -12.24
C THR C 47 -18.04 8.11 -13.40
N LEU C 48 -18.11 6.78 -13.37
CA LEU C 48 -17.49 5.96 -14.41
C LEU C 48 -18.42 5.82 -15.61
N SER C 49 -19.70 5.62 -15.34
CA SER C 49 -20.67 5.34 -16.40
C SER C 49 -21.69 6.46 -16.59
N GLY C 50 -21.73 7.39 -15.64
CA GLY C 50 -22.69 8.49 -15.68
C GLY C 50 -24.09 8.00 -15.35
N LYS C 51 -24.16 6.87 -14.65
CA LYS C 51 -25.45 6.28 -14.30
C LYS C 51 -25.78 6.50 -12.83
N PRO C 52 -27.08 6.53 -12.50
CA PRO C 52 -27.51 6.63 -11.10
C PRO C 52 -27.47 5.25 -10.42
N SER C 53 -27.28 5.24 -9.10
CA SER C 53 -27.23 3.98 -8.36
C SER C 53 -28.62 3.35 -8.26
N PRO C 54 -28.71 2.04 -8.55
CA PRO C 54 -29.97 1.30 -8.50
C PRO C 54 -30.55 1.24 -7.08
N ALA C 55 -29.68 1.40 -6.08
CA ALA C 55 -30.11 1.35 -4.69
C ALA C 55 -30.60 2.72 -4.20
N PHE C 56 -30.75 3.65 -5.13
CA PHE C 56 -31.19 5.00 -4.77
C PHE C 56 -32.18 5.58 -5.77
N ARG C 57 -32.92 4.72 -6.45
CA ARG C 57 -33.94 5.18 -7.39
C ARG C 57 -35.16 5.72 -6.66
N ASP C 58 -35.36 5.27 -5.42
CA ASP C 58 -36.41 5.79 -4.56
C ASP C 58 -35.93 7.06 -3.87
N CYS C 59 -34.83 6.93 -3.11
CA CYS C 59 -34.19 8.08 -2.50
C CYS C 59 -33.12 8.61 -3.45
N ALA C 60 -33.53 9.49 -4.36
CA ALA C 60 -32.67 9.97 -5.42
C ALA C 60 -31.46 10.76 -4.93
N ARG C 61 -30.51 10.98 -5.83
CA ARG C 61 -29.25 11.66 -5.52
C ARG C 61 -28.75 12.38 -6.77
N PRO C 62 -27.94 13.45 -6.59
CA PRO C 62 -27.51 14.32 -7.69
C PRO C 62 -26.98 13.57 -8.91
N SER C 63 -27.53 13.88 -10.08
CA SER C 63 -27.10 13.26 -11.33
C SER C 63 -25.70 13.71 -11.70
N LYS C 64 -24.87 12.76 -12.12
CA LYS C 64 -23.50 13.05 -12.51
C LYS C 64 -23.22 12.59 -13.93
N GLN C 65 -22.36 13.34 -14.62
CA GLN C 65 -22.00 13.00 -16.00
C GLN C 65 -20.82 12.04 -16.04
N GLN C 66 -20.74 11.25 -17.11
CA GLN C 66 -19.69 10.25 -17.26
C GLN C 66 -18.32 10.90 -17.50
N LEU C 67 -17.30 10.35 -16.84
CA LEU C 67 -15.92 10.76 -17.10
C LEU C 67 -15.57 10.46 -18.55
N ASP C 68 -14.63 11.24 -19.11
CA ASP C 68 -14.22 11.07 -20.49
C ASP C 68 -13.68 9.66 -20.74
N PRO C 69 -14.42 8.86 -21.52
CA PRO C 69 -14.09 7.45 -21.76
C PRO C 69 -12.76 7.30 -22.50
N LEU C 70 -12.36 8.33 -23.22
CA LEU C 70 -11.11 8.31 -23.98
C LEU C 70 -9.91 8.33 -23.04
N LYS C 71 -10.04 9.06 -21.92
CA LYS C 71 -8.97 9.14 -20.94
C LYS C 71 -8.97 7.92 -20.03
N VAL C 72 -10.16 7.40 -19.74
CA VAL C 72 -10.30 6.23 -18.89
C VAL C 72 -9.75 4.99 -19.58
N ALA C 73 -10.07 4.83 -20.86
CA ALA C 73 -9.62 3.68 -21.64
C ALA C 73 -8.10 3.61 -21.70
N ASP C 74 -7.45 4.76 -21.81
CA ASP C 74 -5.99 4.82 -21.80
C ASP C 74 -5.44 4.43 -20.44
N LEU C 75 -6.07 4.94 -19.39
CA LEU C 75 -5.67 4.62 -18.03
C LEU C 75 -5.75 3.11 -17.80
N VAL C 76 -6.83 2.51 -18.29
CA VAL C 76 -7.00 1.08 -18.25
C VAL C 76 -5.91 0.40 -19.08
N TYR C 77 -5.62 0.96 -20.25
CA TYR C 77 -4.59 0.43 -21.14
C TYR C 77 -3.21 0.45 -20.49
N LEU C 78 -2.95 1.48 -19.68
CA LEU C 78 -1.66 1.63 -19.02
C LEU C 78 -1.47 0.57 -17.95
N MET C 79 -2.37 0.57 -16.96
CA MET C 79 -2.26 -0.30 -15.80
C MET C 79 -2.26 -1.78 -16.17
N THR C 80 -2.94 -2.13 -17.26
CA THR C 80 -2.99 -3.51 -17.73
C THR C 80 -1.67 -3.92 -18.37
N ASN C 81 -1.00 -2.98 -19.00
CA ASN C 81 0.25 -3.27 -19.72
C ASN C 81 1.49 -2.92 -18.91
N SER C 82 1.31 -2.23 -17.79
CA SER C 82 2.42 -1.84 -16.94
C SER C 82 2.41 -2.58 -15.61
N CYS C 83 1.41 -2.27 -14.79
CA CYS C 83 1.29 -2.90 -13.47
C CYS C 83 0.69 -4.30 -13.58
N ASP C 84 0.15 -4.59 -14.76
CA ASP C 84 -0.42 -5.91 -15.07
C ASP C 84 -1.51 -6.35 -14.10
N MET C 85 -2.72 -5.85 -14.33
CA MET C 85 -3.89 -6.27 -13.56
C MET C 85 -5.15 -6.16 -14.41
N THR C 86 -6.23 -6.79 -13.95
CA THR C 86 -7.48 -6.79 -14.70
C THR C 86 -8.07 -5.39 -14.80
N PRO C 87 -8.69 -5.08 -15.96
CA PRO C 87 -9.39 -3.80 -16.17
C PRO C 87 -10.47 -3.58 -15.12
N ARG C 88 -11.02 -4.67 -14.60
CA ARG C 88 -12.04 -4.61 -13.56
C ARG C 88 -11.50 -3.95 -12.29
N GLU C 89 -10.26 -4.27 -11.94
CA GLU C 89 -9.59 -3.66 -10.78
C GLU C 89 -9.40 -2.17 -10.99
N VAL C 90 -9.04 -1.79 -12.21
CA VAL C 90 -8.84 -0.39 -12.55
C VAL C 90 -10.16 0.39 -12.46
N ARG C 91 -11.22 -0.19 -13.02
CA ARG C 91 -12.53 0.45 -13.01
C ARG C 91 -13.09 0.60 -11.59
N THR C 92 -12.80 -0.38 -10.73
CA THR C 92 -13.22 -0.31 -9.34
C THR C 92 -12.40 0.72 -8.58
N ALA C 93 -11.14 0.89 -8.97
CA ALA C 93 -10.27 1.88 -8.36
C ALA C 93 -10.70 3.30 -8.74
N ILE C 94 -11.23 3.43 -9.95
CA ILE C 94 -11.71 4.72 -10.45
C ILE C 94 -13.05 5.10 -9.82
N THR C 95 -13.97 4.13 -9.76
CA THR C 95 -15.31 4.39 -9.25
C THR C 95 -15.30 4.67 -7.74
N THR C 96 -14.21 4.34 -7.07
CA THR C 96 -14.08 4.60 -5.65
C THR C 96 -13.34 5.91 -5.39
N LYS C 97 -12.63 6.40 -6.40
CA LYS C 97 -11.91 7.66 -6.30
C LYS C 97 -12.89 8.82 -6.38
N CYS C 98 -13.82 8.72 -7.32
CA CYS C 98 -14.83 9.76 -7.51
C CYS C 98 -15.74 9.86 -6.29
N ALA C 99 -16.07 8.72 -5.70
CA ALA C 99 -16.92 8.68 -4.52
C ALA C 99 -16.21 9.26 -3.31
N ASP C 100 -14.90 9.07 -3.25
CA ASP C 100 -14.10 9.59 -2.13
C ASP C 100 -13.94 11.10 -2.21
N GLU C 101 -13.62 11.61 -3.40
CA GLU C 101 -13.44 13.05 -3.58
C GLU C 101 -14.77 13.80 -3.42
N ASN C 102 -15.86 13.15 -3.82
CA ASN C 102 -17.19 13.72 -3.61
C ASN C 102 -17.52 13.76 -2.12
N LYS C 103 -17.05 12.73 -1.41
CA LYS C 103 -17.21 12.66 0.03
C LYS C 103 -16.38 13.74 0.74
N MET C 104 -15.17 13.96 0.23
CA MET C 104 -14.27 14.95 0.80
C MET C 104 -14.78 16.38 0.57
N LEU C 105 -15.51 16.57 -0.53
CA LEU C 105 -16.05 17.88 -0.85
C LEU C 105 -17.16 18.26 0.11
N ARG C 106 -17.92 17.25 0.55
CA ARG C 106 -19.01 17.49 1.49
C ARG C 106 -18.49 17.66 2.92
N SER C 107 -17.21 17.37 3.12
CA SER C 107 -16.57 17.55 4.42
C SER C 107 -16.07 18.98 4.58
N ARG C 108 -16.37 19.82 3.61
CA ARG C 108 -15.99 21.22 3.64
C ARG C 108 -17.22 22.11 3.75
N MET C 109 -18.38 21.49 3.92
CA MET C 109 -19.64 22.20 4.06
C MET C 109 -20.66 21.38 4.84
N PRO D 1 -15.87 -40.10 0.78
CA PRO D 1 -16.77 -39.42 1.72
C PRO D 1 -16.70 -37.91 1.57
N MET D 2 -15.99 -37.24 2.49
CA MET D 2 -15.82 -35.81 2.44
C MET D 2 -14.32 -35.47 2.33
N VAL D 3 -14.02 -34.26 1.89
CA VAL D 3 -12.63 -33.83 1.73
C VAL D 3 -12.40 -32.43 2.31
N THR D 4 -11.36 -32.30 3.12
CA THR D 4 -11.05 -31.04 3.79
C THR D 4 -10.76 -29.91 2.81
N ILE D 5 -10.83 -28.67 3.31
CA ILE D 5 -10.58 -27.50 2.48
C ILE D 5 -9.35 -26.73 2.97
N GLY D 6 -9.34 -26.38 4.24
CA GLY D 6 -8.24 -25.66 4.83
C GLY D 6 -7.88 -26.15 6.22
N PRO D 7 -6.91 -25.48 6.86
CA PRO D 7 -6.43 -25.80 8.21
C PRO D 7 -7.53 -25.81 9.27
N ASN D 8 -8.56 -25.00 9.08
CA ASN D 8 -9.65 -24.91 10.05
C ASN D 8 -10.52 -26.17 10.08
N GLY D 9 -10.45 -26.96 9.01
CA GLY D 9 -11.11 -28.26 8.99
C GLY D 9 -12.45 -28.31 8.28
N THR D 10 -12.74 -27.31 7.45
CA THR D 10 -13.98 -27.30 6.68
C THR D 10 -13.86 -28.30 5.54
N GLU D 11 -14.95 -29.02 5.26
CA GLU D 11 -14.92 -30.05 4.23
C GLU D 11 -16.16 -30.03 3.33
N VAL D 12 -15.98 -30.49 2.10
CA VAL D 12 -17.07 -30.57 1.12
C VAL D 12 -17.19 -31.98 0.57
N SER D 13 -18.06 -32.15 -0.42
CA SER D 13 -18.26 -33.46 -1.05
C SER D 13 -17.22 -33.70 -2.14
N ARG D 14 -16.67 -34.91 -2.17
CA ARG D 14 -15.68 -35.27 -3.18
C ARG D 14 -16.25 -35.27 -4.59
N ILE D 15 -17.52 -35.66 -4.70
CA ILE D 15 -18.19 -35.71 -5.99
C ILE D 15 -18.37 -34.32 -6.58
N SER D 16 -18.96 -33.42 -5.80
CA SER D 16 -19.22 -32.06 -6.23
C SER D 16 -17.93 -31.30 -6.52
N LEU D 17 -16.92 -31.54 -5.69
CA LEU D 17 -15.61 -30.91 -5.87
C LEU D 17 -14.97 -31.34 -7.19
N SER D 18 -15.18 -32.60 -7.55
CA SER D 18 -14.64 -33.15 -8.78
C SER D 18 -15.49 -32.76 -9.99
N ALA D 19 -16.73 -32.37 -9.73
CA ALA D 19 -17.66 -32.00 -10.80
C ALA D 19 -17.56 -30.53 -11.15
N ILE D 20 -16.50 -29.87 -10.69
CA ILE D 20 -16.29 -28.45 -10.96
C ILE D 20 -15.22 -28.25 -12.04
N ASN D 21 -15.59 -27.49 -13.07
CA ASN D 21 -14.64 -27.12 -14.12
C ASN D 21 -13.73 -25.99 -13.65
N TRP D 22 -12.49 -26.31 -13.33
CA TRP D 22 -11.54 -25.33 -12.81
C TRP D 22 -10.93 -24.48 -13.92
N ALA D 23 -11.73 -24.14 -14.92
CA ALA D 23 -11.27 -23.33 -16.04
C ALA D 23 -11.97 -21.98 -16.06
N MET D 24 -13.18 -21.95 -15.52
CA MET D 24 -13.96 -20.72 -15.47
C MET D 24 -13.43 -19.77 -14.40
N THR D 25 -14.08 -18.61 -14.27
CA THR D 25 -13.62 -17.57 -13.35
C THR D 25 -13.54 -18.04 -11.90
N GLY D 26 -12.49 -17.62 -11.22
CA GLY D 26 -12.33 -17.85 -9.79
C GLY D 26 -13.53 -17.43 -8.96
N PRO D 27 -13.98 -16.16 -9.12
CA PRO D 27 -15.22 -15.71 -8.48
C PRO D 27 -16.40 -16.63 -8.74
N SER D 28 -16.51 -17.13 -9.97
CA SER D 28 -17.61 -18.04 -10.32
C SER D 28 -17.46 -19.38 -9.61
N ILE D 29 -16.23 -19.90 -9.59
CA ILE D 29 -15.94 -21.16 -8.91
C ILE D 29 -16.21 -21.05 -7.41
N THR D 30 -15.84 -19.93 -6.83
CA THR D 30 -16.06 -19.68 -5.41
C THR D 30 -17.56 -19.73 -5.08
N ARG D 31 -18.37 -19.24 -6.01
CA ARG D 31 -19.82 -19.24 -5.84
C ARG D 31 -20.39 -20.66 -5.93
N LYS D 32 -19.68 -21.54 -6.62
CA LYS D 32 -20.09 -22.94 -6.73
C LYS D 32 -19.73 -23.70 -5.46
N LEU D 33 -18.64 -23.28 -4.82
CA LEU D 33 -18.18 -23.90 -3.58
C LEU D 33 -19.02 -23.45 -2.38
N LEU D 34 -19.52 -22.22 -2.45
CA LEU D 34 -20.34 -21.66 -1.37
C LEU D 34 -21.63 -22.45 -1.17
N CYS D 35 -22.22 -22.91 -2.27
CA CYS D 35 -23.43 -23.71 -2.20
C CYS D 35 -23.13 -25.13 -1.74
N GLU D 36 -21.86 -25.49 -1.75
CA GLU D 36 -21.42 -26.81 -1.30
C GLU D 36 -21.03 -26.80 0.17
N ILE D 37 -20.83 -25.62 0.72
CA ILE D 37 -20.49 -25.47 2.13
C ILE D 37 -21.70 -24.99 2.92
N PHE D 38 -22.49 -24.12 2.31
CA PHE D 38 -23.63 -23.52 2.98
C PHE D 38 -24.96 -23.87 2.32
N ASP D 39 -26.01 -23.92 3.12
CA ASP D 39 -27.37 -24.13 2.61
C ASP D 39 -27.82 -22.84 1.93
N ARG D 40 -28.78 -22.95 1.01
CA ARG D 40 -29.30 -21.78 0.32
C ARG D 40 -30.09 -20.88 1.26
N ASP D 41 -30.66 -21.46 2.31
CA ASP D 41 -31.39 -20.70 3.31
C ASP D 41 -30.43 -19.85 4.14
N THR D 42 -29.20 -20.34 4.29
CA THR D 42 -28.18 -19.63 5.03
C THR D 42 -27.62 -18.47 4.22
N LEU D 43 -27.25 -18.74 2.97
CA LEU D 43 -26.68 -17.72 2.10
C LEU D 43 -27.65 -16.58 1.82
N ALA D 44 -28.94 -16.88 1.87
CA ALA D 44 -29.96 -15.87 1.62
C ALA D 44 -30.25 -15.03 2.87
N HIS D 45 -29.66 -15.43 3.99
CA HIS D 45 -29.88 -14.74 5.26
C HIS D 45 -28.58 -14.30 5.91
N HIS D 46 -27.45 -14.67 5.31
CA HIS D 46 -26.14 -14.33 5.86
C HIS D 46 -25.34 -13.42 4.95
N THR D 47 -24.34 -12.74 5.53
CA THR D 47 -23.44 -11.89 4.76
C THR D 47 -21.99 -12.23 5.12
N LEU D 48 -21.06 -11.41 4.64
CA LEU D 48 -19.64 -11.64 4.88
C LEU D 48 -19.24 -11.25 6.30
N SER D 49 -19.71 -10.09 6.74
CA SER D 49 -19.32 -9.54 8.04
C SER D 49 -20.45 -9.54 9.05
N GLY D 50 -21.69 -9.52 8.57
CA GLY D 50 -22.85 -9.44 9.44
C GLY D 50 -23.26 -8.00 9.66
N LYS D 51 -22.35 -7.09 9.39
CA LYS D 51 -22.61 -5.66 9.52
C LYS D 51 -23.63 -5.22 8.48
N PRO D 52 -24.44 -4.20 8.81
CA PRO D 52 -25.41 -3.67 7.84
C PRO D 52 -24.77 -2.70 6.87
N SER D 53 -25.49 -2.32 5.82
CA SER D 53 -24.98 -1.37 4.85
C SER D 53 -25.00 0.05 5.43
N PRO D 54 -23.89 0.80 5.25
CA PRO D 54 -23.77 2.18 5.73
C PRO D 54 -24.82 3.09 5.12
N ALA D 55 -25.24 2.78 3.89
CA ALA D 55 -26.26 3.57 3.20
C ALA D 55 -27.66 3.23 3.72
N PHE D 56 -27.75 2.15 4.48
CA PHE D 56 -29.04 1.69 5.00
C PHE D 56 -28.99 1.51 6.51
N ARG D 57 -28.59 2.55 7.23
CA ARG D 57 -28.54 2.49 8.69
C ARG D 57 -29.73 3.21 9.33
N ASP D 58 -30.18 4.28 8.69
CA ASP D 58 -31.36 5.00 9.15
C ASP D 58 -32.61 4.21 8.81
N CYS D 59 -32.77 3.92 7.52
CA CYS D 59 -33.84 3.04 7.07
C CYS D 59 -33.48 1.61 7.46
N ALA D 60 -33.91 1.20 8.64
CA ALA D 60 -33.53 -0.08 9.22
C ALA D 60 -33.92 -1.28 8.37
N ARG D 61 -33.01 -1.70 7.48
CA ARG D 61 -33.19 -2.92 6.71
C ARG D 61 -32.82 -4.11 7.59
N PRO D 62 -33.74 -5.09 7.71
CA PRO D 62 -33.80 -6.24 8.62
C PRO D 62 -32.54 -6.54 9.44
N SER D 63 -31.99 -7.75 9.26
CA SER D 63 -30.80 -8.17 9.98
C SER D 63 -30.23 -9.46 9.39
N LYS D 64 -28.93 -9.46 9.10
CA LYS D 64 -28.27 -10.63 8.53
C LYS D 64 -27.01 -10.99 9.30
N GLN D 65 -26.91 -12.24 9.72
CA GLN D 65 -25.79 -12.70 10.54
C GLN D 65 -24.56 -13.01 9.69
N GLN D 66 -23.39 -12.97 10.31
CA GLN D 66 -22.14 -13.25 9.62
C GLN D 66 -21.98 -14.73 9.34
N LEU D 67 -21.45 -15.06 8.16
CA LEU D 67 -21.12 -16.43 7.82
C LEU D 67 -20.06 -16.98 8.76
N ASP D 68 -19.95 -18.30 8.83
CA ASP D 68 -18.94 -18.94 9.67
C ASP D 68 -17.54 -18.54 9.23
N PRO D 69 -16.85 -17.75 10.07
CA PRO D 69 -15.53 -17.20 9.73
C PRO D 69 -14.49 -18.30 9.51
N LEU D 70 -14.65 -19.41 10.20
CA LEU D 70 -13.73 -20.54 10.08
C LEU D 70 -13.90 -21.25 8.75
N LYS D 71 -15.14 -21.29 8.26
CA LYS D 71 -15.43 -21.90 6.96
C LYS D 71 -15.00 -20.98 5.83
N VAL D 72 -15.25 -19.69 5.98
CA VAL D 72 -14.90 -18.70 4.98
C VAL D 72 -13.38 -18.61 4.82
N ALA D 73 -12.66 -18.64 5.95
CA ALA D 73 -11.21 -18.57 5.93
C ALA D 73 -10.58 -19.72 5.16
N ASP D 74 -11.20 -20.90 5.24
CA ASP D 74 -10.73 -22.05 4.48
C ASP D 74 -11.00 -21.88 2.99
N LEU D 75 -12.13 -21.27 2.66
CA LEU D 75 -12.49 -21.03 1.28
C LEU D 75 -11.50 -20.06 0.65
N VAL D 76 -11.13 -19.02 1.39
CA VAL D 76 -10.13 -18.07 0.94
C VAL D 76 -8.78 -18.78 0.81
N TYR D 77 -8.49 -19.66 1.76
CA TYR D 77 -7.25 -20.44 1.73
C TYR D 77 -7.16 -21.34 0.51
N LEU D 78 -8.31 -21.87 0.09
CA LEU D 78 -8.37 -22.78 -1.05
C LEU D 78 -8.05 -22.04 -2.35
N MET D 79 -8.81 -21.00 -2.63
CA MET D 79 -8.70 -20.26 -3.90
C MET D 79 -7.35 -19.58 -4.07
N THR D 80 -6.82 -19.02 -2.98
CA THR D 80 -5.55 -18.30 -3.02
C THR D 80 -4.36 -19.22 -3.26
N ASN D 81 -4.49 -20.48 -2.84
CA ASN D 81 -3.40 -21.45 -2.98
C ASN D 81 -3.57 -22.35 -4.21
N SER D 82 -4.79 -22.43 -4.72
CA SER D 82 -5.07 -23.25 -5.89
C SER D 82 -5.17 -22.41 -7.16
N CYS D 83 -6.20 -21.58 -7.24
CA CYS D 83 -6.41 -20.73 -8.40
C CYS D 83 -5.49 -19.51 -8.37
N ASP D 84 -4.83 -19.30 -7.23
CA ASP D 84 -3.91 -18.18 -7.04
C ASP D 84 -4.53 -16.82 -7.31
N MET D 85 -5.71 -16.60 -6.72
CA MET D 85 -6.36 -15.29 -6.79
C MET D 85 -6.13 -14.55 -5.47
N THR D 86 -6.54 -13.29 -5.42
CA THR D 86 -6.35 -12.48 -4.22
C THR D 86 -7.52 -12.66 -3.26
N PRO D 87 -7.26 -12.54 -1.95
CA PRO D 87 -8.31 -12.61 -0.93
C PRO D 87 -9.39 -11.56 -1.15
N ARG D 88 -9.01 -10.43 -1.76
CA ARG D 88 -9.95 -9.39 -2.12
C ARG D 88 -11.04 -9.92 -3.05
N GLU D 89 -10.63 -10.70 -4.05
CA GLU D 89 -11.55 -11.26 -5.03
C GLU D 89 -12.49 -12.28 -4.40
N VAL D 90 -11.94 -13.16 -3.57
CA VAL D 90 -12.71 -14.22 -2.94
C VAL D 90 -13.79 -13.66 -2.03
N ARG D 91 -13.42 -12.71 -1.18
CA ARG D 91 -14.36 -12.08 -0.27
C ARG D 91 -15.39 -11.24 -1.02
N THR D 92 -15.02 -10.77 -2.21
CA THR D 92 -15.92 -10.00 -3.05
C THR D 92 -16.90 -10.94 -3.77
N ALA D 93 -16.46 -12.16 -4.03
CA ALA D 93 -17.29 -13.14 -4.70
C ALA D 93 -18.33 -13.73 -3.73
N ILE D 94 -18.03 -13.66 -2.44
CA ILE D 94 -18.91 -14.19 -1.41
C ILE D 94 -20.06 -13.22 -1.11
N THR D 95 -19.70 -11.94 -0.96
CA THR D 95 -20.69 -10.92 -0.62
C THR D 95 -21.74 -10.71 -1.71
N THR D 96 -21.40 -11.11 -2.93
CA THR D 96 -22.34 -11.00 -4.04
C THR D 96 -23.27 -12.22 -4.09
N LYS D 97 -22.71 -13.40 -3.83
CA LYS D 97 -23.48 -14.63 -3.83
C LYS D 97 -24.55 -14.58 -2.75
N CYS D 98 -24.18 -14.07 -1.58
CA CYS D 98 -25.11 -13.91 -0.48
C CYS D 98 -26.17 -12.85 -0.82
N ALA D 99 -25.78 -11.91 -1.68
CA ALA D 99 -26.69 -10.86 -2.12
C ALA D 99 -27.59 -11.36 -3.26
N ASP D 100 -27.01 -12.17 -4.15
CA ASP D 100 -27.75 -12.74 -5.26
C ASP D 100 -28.76 -13.78 -4.79
N GLU D 101 -28.38 -14.54 -3.76
CA GLU D 101 -29.29 -15.53 -3.18
C GLU D 101 -30.47 -14.86 -2.50
N ASN D 102 -30.25 -13.65 -1.99
CA ASN D 102 -31.31 -12.88 -1.36
C ASN D 102 -32.31 -12.37 -2.39
N LYS D 103 -31.83 -12.12 -3.60
CA LYS D 103 -32.69 -11.71 -4.70
C LYS D 103 -33.66 -12.83 -5.06
N MET D 104 -33.15 -14.05 -5.07
CA MET D 104 -33.95 -15.22 -5.41
C MET D 104 -35.01 -15.49 -4.36
N LEU D 105 -34.63 -15.34 -3.09
CA LEU D 105 -35.54 -15.57 -1.98
C LEU D 105 -36.66 -14.54 -1.93
N ARG D 106 -36.31 -13.28 -2.18
CA ARG D 106 -37.29 -12.20 -2.17
C ARG D 106 -38.15 -12.23 -3.42
N SER D 107 -37.78 -13.06 -4.38
CA SER D 107 -38.56 -13.23 -5.61
C SER D 107 -39.54 -14.39 -5.46
N ARG D 108 -39.37 -15.16 -4.39
CA ARG D 108 -40.27 -16.29 -4.12
C ARG D 108 -41.06 -16.07 -2.83
C ACT I . 0.41 -14.49 17.31
O ACT I . 0.21 -13.30 17.00
OXT ACT I . -0.55 -15.28 17.10
CH3 ACT I . 1.69 -14.95 17.92
C ACT J . 11.99 -22.14 2.61
O ACT J . 11.98 -22.07 1.36
OXT ACT J . 13.11 -22.39 3.13
CH3 ACT J . 10.76 -21.92 3.43
C ACT K . -24.85 -28.35 2.20
O ACT K . -24.57 -28.41 0.98
OXT ACT K . -26.06 -28.26 2.48
CH3 ACT K . -23.79 -28.37 3.26
#